data_1ZH8
#
_entry.id   1ZH8
#
_cell.length_a   64.849
_cell.length_b   63.088
_cell.length_c   101.172
_cell.angle_alpha   90.00
_cell.angle_beta   104.88
_cell.angle_gamma   90.00
#
_symmetry.space_group_name_H-M   'P 1 21 1'
#
loop_
_entity.id
_entity.type
_entity.pdbx_description
1 polymer oxidoreductase
2 non-polymer 'SODIUM ION'
3 non-polymer 'NADP NICOTINAMIDE-ADENINE-DINUCLEOTIDE PHOSPHATE'
4 non-polymer 1,2-ETHANEDIOL
5 water water
#
_entity_poly.entity_id   1
_entity_poly.type   'polypeptide(L)'
_entity_poly.pdbx_seq_one_letter_code
;MGSDKIHHHHHH(MSE)KPLRKIRLGIVGCGIAARELHLPALKNLSHLFEITAVTSRTRSHAEEFAK(MSE)VGNPAVFD
SYEELLESGLVDAVDLTLPVELNLPFIEKALRKGVHVICEKPISTDVETGKKVVELSEKSEKTVYIAENFRHVPAFWKAK
ELVESGAIGDPVF(MSE)NWQIWVG(MSE)DENNKYVHTDWRKKPKHVGGFLSDGGVHHAAA(MSE)RLILGEIEWISAV
AKDLSPLLGG(MSE)DFLSSIFEFENGTVGNYTISYSLKGNERFEITGTKGKISISWDKIVLNEEE(MSE)KVPQENSYQ
KEFEDFYQVVAEGKPNDLGSPVQALKDLAFIEACVRSAGNKVFVSSLL
;
_entity_poly.pdbx_strand_id   A,B
#
# COMPACT_ATOMS: atom_id res chain seq x y z
N LEU A 16 18.22 25.46 -39.35
CA LEU A 16 17.53 24.24 -38.82
C LEU A 16 16.25 23.98 -39.60
N ARG A 17 16.26 22.92 -40.44
CA ARG A 17 15.07 22.47 -41.20
C ARG A 17 13.93 22.08 -40.24
N LYS A 18 12.69 22.40 -40.62
CA LYS A 18 11.54 22.13 -39.77
C LYS A 18 10.82 20.83 -40.13
N ILE A 19 10.20 20.23 -39.12
CA ILE A 19 9.32 19.09 -39.32
C ILE A 19 7.93 19.63 -39.64
N ARG A 20 7.43 19.34 -40.85
CA ARG A 20 6.08 19.70 -41.26
C ARG A 20 5.12 18.71 -40.61
N LEU A 21 4.23 19.23 -39.79
CA LEU A 21 3.47 18.41 -38.87
C LEU A 21 1.98 18.54 -39.11
N GLY A 22 1.28 17.42 -39.12
CA GLY A 22 -0.18 17.38 -39.24
C GLY A 22 -0.80 17.00 -37.91
N ILE A 23 -1.78 17.80 -37.47
CA ILE A 23 -2.49 17.53 -36.23
C ILE A 23 -3.74 16.71 -36.54
N VAL A 24 -3.90 15.57 -35.87
CA VAL A 24 -5.06 14.71 -36.13
C VAL A 24 -5.81 14.48 -34.83
N GLY A 25 -7.04 14.96 -34.77
CA GLY A 25 -7.85 14.92 -33.57
C GLY A 25 -7.71 16.21 -32.80
N CYS A 26 -8.59 17.17 -33.06
CA CYS A 26 -8.50 18.48 -32.46
C CYS A 26 -9.39 18.59 -31.24
N GLY A 27 -8.95 17.97 -30.15
CA GLY A 27 -9.71 17.94 -28.91
C GLY A 27 -8.89 18.58 -27.79
N ILE A 28 -9.11 18.11 -26.57
CA ILE A 28 -8.54 18.75 -25.41
C ILE A 28 -7.01 18.77 -25.47
N ALA A 29 -6.40 17.60 -25.60
CA ALA A 29 -4.94 17.51 -25.63
C ALA A 29 -4.34 18.38 -26.73
N ALA A 30 -4.91 18.31 -27.93
CA ALA A 30 -4.35 19.08 -29.04
C ALA A 30 -4.39 20.60 -28.74
N ARG A 31 -5.52 21.10 -28.27
CA ARG A 31 -5.71 22.52 -28.03
C ARG A 31 -4.91 22.98 -26.83
N GLU A 32 -4.93 22.19 -25.76
CA GLU A 32 -4.59 22.73 -24.45
C GLU A 32 -3.20 22.33 -24.01
N LEU A 33 -2.72 21.22 -24.56
CA LEU A 33 -1.47 20.63 -24.11
C LEU A 33 -0.44 20.66 -25.25
N HIS A 34 -0.83 20.24 -26.46
CA HIS A 34 0.10 20.18 -27.60
C HIS A 34 0.39 21.51 -28.25
N LEU A 35 -0.64 22.28 -28.55
CA LEU A 35 -0.45 23.53 -29.24
C LEU A 35 0.44 24.52 -28.46
N PRO A 36 0.16 24.74 -27.16
CA PRO A 36 1.02 25.73 -26.49
C PRO A 36 2.50 25.30 -26.45
N ALA A 37 2.75 24.01 -26.32
CA ALA A 37 4.11 23.51 -26.39
C ALA A 37 4.69 23.72 -27.79
N LEU A 38 3.92 23.36 -28.81
CA LEU A 38 4.31 23.55 -30.21
C LEU A 38 4.59 24.98 -30.57
N LYS A 39 3.79 25.89 -30.00
CA LYS A 39 3.95 27.31 -30.23
C LYS A 39 5.28 27.80 -29.70
N ASN A 40 5.83 27.08 -28.72
CA ASN A 40 7.13 27.44 -28.17
C ASN A 40 8.28 26.79 -28.93
N LEU A 41 7.95 25.96 -29.91
CA LEU A 41 8.93 25.23 -30.70
C LEU A 41 8.77 25.51 -32.19
N SER A 42 8.41 26.72 -32.57
CA SER A 42 8.16 27.01 -33.99
C SER A 42 9.46 27.06 -34.80
N HIS A 43 10.60 27.03 -34.12
CA HIS A 43 11.85 26.91 -34.84
C HIS A 43 12.11 25.46 -35.28
N LEU A 44 11.34 24.51 -34.75
CA LEU A 44 11.48 23.08 -35.05
C LEU A 44 10.31 22.46 -35.83
N PHE A 45 9.12 23.02 -35.61
CA PHE A 45 7.88 22.48 -36.18
C PHE A 45 7.09 23.53 -36.92
N GLU A 46 6.49 23.12 -38.03
CA GLU A 46 5.47 23.91 -38.67
C GLU A 46 4.21 23.06 -38.83
N ILE A 47 3.09 23.58 -38.35
CA ILE A 47 1.81 22.91 -38.54
C ILE A 47 1.23 23.32 -39.87
N THR A 48 1.19 22.36 -40.78
CA THR A 48 0.81 22.59 -42.15
C THR A 48 -0.55 21.97 -42.49
N ALA A 49 -1.03 21.04 -41.64
CA ALA A 49 -2.31 20.37 -41.91
C ALA A 49 -3.02 19.95 -40.64
N VAL A 50 -4.33 19.79 -40.76
CA VAL A 50 -5.20 19.61 -39.61
C VAL A 50 -6.43 18.83 -40.08
N THR A 51 -6.92 17.94 -39.23
CA THR A 51 -8.13 17.16 -39.52
C THR A 51 -8.78 16.73 -38.22
N SER A 52 -10.10 16.60 -38.21
CA SER A 52 -10.80 16.12 -37.01
C SER A 52 -12.08 15.37 -37.39
N ARG A 53 -12.74 14.69 -36.46
CA ARG A 53 -14.06 14.11 -36.74
C ARG A 53 -15.10 15.17 -37.12
N THR A 54 -15.21 16.22 -36.30
CA THR A 54 -16.07 17.38 -36.57
C THR A 54 -15.26 18.49 -37.29
N ARG A 55 -15.67 18.84 -38.50
CA ARG A 55 -14.99 19.84 -39.30
C ARG A 55 -14.86 21.20 -38.59
N SER A 56 -15.93 21.66 -37.92
CA SER A 56 -15.88 22.96 -37.28
C SER A 56 -14.82 22.99 -36.17
N HIS A 57 -14.60 21.83 -35.53
CA HIS A 57 -13.57 21.70 -34.50
C HIS A 57 -12.16 21.83 -35.08
N ALA A 58 -11.98 21.27 -36.28
CA ALA A 58 -10.71 21.35 -37.00
C ALA A 58 -10.46 22.76 -37.50
N GLU A 59 -11.56 23.44 -37.88
CA GLU A 59 -11.48 24.82 -38.35
C GLU A 59 -11.13 25.81 -37.22
N GLU A 60 -11.75 25.62 -36.05
CA GLU A 60 -11.43 26.42 -34.85
C GLU A 60 -9.97 26.23 -34.49
N PHE A 61 -9.52 24.98 -34.50
CA PHE A 61 -8.12 24.67 -34.27
C PHE A 61 -7.21 25.34 -35.30
N ALA A 62 -7.55 25.24 -36.59
CA ALA A 62 -6.81 25.95 -37.64
C ALA A 62 -6.57 27.43 -37.32
N LYS A 63 -7.58 28.12 -36.78
CA LYS A 63 -7.45 29.55 -36.51
C LYS A 63 -6.47 29.83 -35.37
N VAL A 65 -3.91 28.13 -34.79
CA VAL A 65 -2.59 27.84 -35.39
C VAL A 65 -2.08 28.92 -36.31
N GLY A 66 -2.97 29.46 -37.14
CA GLY A 66 -2.65 30.42 -38.18
C GLY A 66 -3.47 30.12 -39.43
N ASN A 67 -2.94 29.25 -40.28
CA ASN A 67 -3.57 28.94 -41.55
C ASN A 67 -3.16 27.58 -42.14
N PRO A 68 -3.26 26.50 -41.35
CA PRO A 68 -2.90 25.24 -41.97
C PRO A 68 -4.03 24.79 -42.89
N ALA A 69 -3.73 23.90 -43.82
CA ALA A 69 -4.79 23.28 -44.62
C ALA A 69 -5.68 22.39 -43.76
N VAL A 70 -7.00 22.46 -43.97
CA VAL A 70 -7.97 21.64 -43.24
C VAL A 70 -8.51 20.50 -44.12
N PHE A 71 -8.46 19.27 -43.62
CA PHE A 71 -8.90 18.10 -44.37
C PHE A 71 -10.12 17.43 -43.74
N ASP A 72 -11.02 16.95 -44.58
CA ASP A 72 -12.17 16.16 -44.14
C ASP A 72 -11.76 14.79 -43.63
N SER A 73 -10.63 14.27 -44.09
CA SER A 73 -10.16 12.98 -43.63
C SER A 73 -8.64 12.90 -43.47
N TYR A 74 -8.24 12.04 -42.54
CA TYR A 74 -6.86 11.77 -42.22
C TYR A 74 -6.12 11.17 -43.42
N GLU A 75 -6.80 10.25 -44.12
CA GLU A 75 -6.21 9.58 -45.29
C GLU A 75 -5.83 10.61 -46.35
N GLU A 76 -6.63 11.67 -46.47
CA GLU A 76 -6.35 12.73 -47.46
C GLU A 76 -5.18 13.56 -46.99
N LEU A 77 -5.16 13.87 -45.69
CA LEU A 77 -4.05 14.61 -45.10
C LEU A 77 -2.76 13.88 -45.39
N LEU A 78 -2.77 12.56 -45.18
CA LEU A 78 -1.58 11.73 -45.36
C LEU A 78 -1.08 11.74 -46.81
N GLU A 79 -1.99 11.95 -47.76
CA GLU A 79 -1.65 11.79 -49.17
C GLU A 79 -1.35 13.15 -49.81
N SER A 80 -1.62 14.22 -49.05
CA SER A 80 -1.54 15.60 -49.57
C SER A 80 -0.13 16.05 -49.90
N GLY A 81 0.88 15.36 -49.35
CA GLY A 81 2.27 15.77 -49.49
C GLY A 81 2.67 16.93 -48.58
N LEU A 82 1.79 17.33 -47.66
CA LEU A 82 2.06 18.52 -46.84
C LEU A 82 2.81 18.27 -45.53
N VAL A 83 3.03 17.01 -45.18
CA VAL A 83 3.54 16.63 -43.86
C VAL A 83 4.73 15.63 -43.85
N ASP A 84 5.63 15.83 -42.92
CA ASP A 84 6.73 14.90 -42.64
C ASP A 84 6.34 13.95 -41.51
N ALA A 85 5.41 14.42 -40.67
CA ALA A 85 4.95 13.63 -39.53
C ALA A 85 3.56 14.08 -39.14
N VAL A 86 2.89 13.24 -38.36
CA VAL A 86 1.58 13.54 -37.87
C VAL A 86 1.55 13.36 -36.34
N ASP A 87 0.71 14.15 -35.70
CA ASP A 87 0.52 14.09 -34.28
C ASP A 87 -0.89 13.58 -33.98
N LEU A 88 -0.99 12.41 -33.36
CA LEU A 88 -2.29 11.82 -33.12
C LEU A 88 -2.72 12.06 -31.69
N THR A 89 -3.81 12.81 -31.53
CA THR A 89 -4.42 13.03 -30.21
C THR A 89 -5.85 12.55 -30.28
N LEU A 90 -6.00 11.23 -30.31
CA LEU A 90 -7.26 10.58 -30.66
C LEU A 90 -7.75 9.69 -29.55
N PRO A 91 -9.01 9.22 -29.66
CA PRO A 91 -9.44 8.11 -28.84
C PRO A 91 -8.46 6.96 -29.04
N VAL A 92 -8.02 6.38 -27.95
CA VAL A 92 -6.97 5.36 -27.99
C VAL A 92 -7.28 4.17 -28.95
N GLU A 93 -8.56 3.87 -29.16
CA GLU A 93 -8.96 2.81 -30.13
C GLU A 93 -8.40 3.05 -31.54
N LEU A 94 -8.03 4.29 -31.83
CA LEU A 94 -7.56 4.68 -33.16
C LEU A 94 -6.05 4.63 -33.36
N ASN A 95 -5.28 4.61 -32.27
CA ASN A 95 -3.81 4.60 -32.38
C ASN A 95 -3.30 3.59 -33.41
N LEU A 96 -3.55 2.30 -33.16
CA LEU A 96 -3.04 1.24 -34.06
C LEU A 96 -3.37 1.51 -35.54
N PRO A 97 -4.66 1.51 -35.94
CA PRO A 97 -4.89 1.67 -37.39
C PRO A 97 -4.31 2.96 -37.98
N PHE A 98 -4.28 4.04 -37.19
CA PHE A 98 -3.80 5.33 -37.71
C PHE A 98 -2.26 5.38 -37.81
N ILE A 99 -1.58 4.77 -36.86
CA ILE A 99 -0.12 4.61 -36.95
C ILE A 99 0.23 3.82 -38.21
N GLU A 100 -0.50 2.72 -38.43
CA GLU A 100 -0.25 1.89 -39.61
C GLU A 100 -0.47 2.67 -40.90
N LYS A 101 -1.53 3.48 -40.94
CA LYS A 101 -1.79 4.29 -42.13
C LYS A 101 -0.61 5.23 -42.38
N ALA A 102 -0.11 5.89 -41.33
CA ALA A 102 0.98 6.82 -41.47
C ALA A 102 2.26 6.14 -42.00
N LEU A 103 2.63 5.00 -41.42
CA LEU A 103 3.83 4.30 -41.82
C LEU A 103 3.71 3.79 -43.26
N ARG A 104 2.51 3.35 -43.65
CA ARG A 104 2.27 2.93 -45.04
C ARG A 104 2.50 4.04 -46.05
N LYS A 105 2.25 5.28 -45.65
CA LYS A 105 2.51 6.45 -46.48
C LYS A 105 3.92 7.04 -46.33
N GLY A 106 4.74 6.41 -45.50
CA GLY A 106 6.09 6.92 -45.20
C GLY A 106 6.10 8.21 -44.40
N VAL A 107 5.29 8.27 -43.34
CA VAL A 107 5.20 9.49 -42.53
C VAL A 107 5.51 9.15 -41.06
N HIS A 108 6.35 9.93 -40.38
CA HIS A 108 6.58 9.72 -38.92
C HIS A 108 5.32 10.00 -38.12
N VAL A 109 5.25 9.40 -36.95
CA VAL A 109 4.09 9.56 -36.08
C VAL A 109 4.54 9.84 -34.63
N ILE A 110 4.02 10.93 -34.06
CA ILE A 110 3.98 11.07 -32.62
C ILE A 110 2.55 10.84 -32.13
N CYS A 111 2.41 9.94 -31.17
CA CYS A 111 1.10 9.50 -30.77
C CYS A 111 0.99 9.47 -29.28
N GLU A 112 -0.16 9.92 -28.80
CA GLU A 112 -0.42 10.04 -27.38
C GLU A 112 -0.51 8.68 -26.70
N LYS A 113 -0.20 8.66 -25.40
CA LYS A 113 -0.42 7.50 -24.57
C LYS A 113 -1.93 7.37 -24.35
N PRO A 114 -2.41 6.18 -23.96
CA PRO A 114 -1.68 4.90 -23.91
C PRO A 114 -1.32 4.43 -25.31
N ILE A 115 -0.26 3.62 -25.42
CA ILE A 115 0.11 3.05 -26.70
C ILE A 115 -1.11 2.48 -27.46
N SER A 116 -1.96 1.71 -26.78
CA SER A 116 -3.19 1.18 -27.38
C SER A 116 -4.19 0.77 -26.28
N THR A 117 -5.23 0.04 -26.65
CA THR A 117 -6.34 -0.22 -25.76
C THR A 117 -6.01 -1.32 -24.77
N ASP A 118 -5.03 -2.14 -25.12
CA ASP A 118 -4.58 -3.29 -24.34
C ASP A 118 -3.24 -3.80 -24.89
N VAL A 119 -2.64 -4.75 -24.18
CA VAL A 119 -1.31 -5.24 -24.59
C VAL A 119 -1.28 -6.03 -25.90
N GLU A 120 -2.24 -6.91 -26.16
CA GLU A 120 -2.23 -7.59 -27.47
C GLU A 120 -2.30 -6.62 -28.66
N THR A 121 -3.05 -5.53 -28.51
CA THR A 121 -3.14 -4.53 -29.57
C THR A 121 -1.89 -3.68 -29.58
N GLY A 122 -1.39 -3.36 -28.39
CA GLY A 122 -0.13 -2.63 -28.22
C GLY A 122 1.02 -3.30 -28.95
N LYS A 123 1.11 -4.63 -28.83
CA LYS A 123 2.18 -5.39 -29.48
C LYS A 123 2.20 -5.20 -30.97
N LYS A 124 1.03 -4.92 -31.57
CA LYS A 124 0.96 -4.72 -33.02
C LYS A 124 1.54 -3.36 -33.39
N VAL A 125 1.37 -2.36 -32.52
CA VAL A 125 1.98 -1.07 -32.71
C VAL A 125 3.50 -1.25 -32.66
N VAL A 126 3.97 -2.01 -31.69
CA VAL A 126 5.39 -2.23 -31.53
C VAL A 126 6.00 -2.88 -32.76
N GLU A 127 5.38 -3.95 -33.28
CA GLU A 127 5.96 -4.61 -34.45
C GLU A 127 5.96 -3.78 -35.75
N LEU A 128 4.96 -2.91 -35.93
CA LEU A 128 4.93 -1.96 -37.06
C LEU A 128 6.05 -0.93 -36.91
N SER A 129 6.25 -0.48 -35.67
CA SER A 129 7.35 0.39 -35.32
C SER A 129 8.70 -0.21 -35.67
N GLU A 130 8.91 -1.46 -35.22
CA GLU A 130 10.18 -2.15 -35.43
C GLU A 130 10.45 -2.54 -36.88
N LYS A 131 9.40 -2.72 -37.68
CA LYS A 131 9.60 -3.06 -39.10
C LYS A 131 9.77 -1.84 -40.01
N SER A 132 9.31 -0.68 -39.57
CA SER A 132 9.36 0.56 -40.37
C SER A 132 10.66 1.36 -40.18
N GLU A 133 11.04 2.13 -41.19
CA GLU A 133 12.18 3.05 -41.09
C GLU A 133 11.76 4.39 -40.44
N LYS A 134 10.48 4.71 -40.53
CA LYS A 134 9.95 5.95 -39.96
C LYS A 134 9.86 5.81 -38.44
N THR A 135 9.80 6.94 -37.73
CA THR A 135 9.73 6.92 -36.28
C THR A 135 8.28 6.80 -35.79
N VAL A 136 8.03 5.84 -34.89
CA VAL A 136 6.85 5.89 -34.04
C VAL A 136 7.28 6.32 -32.64
N TYR A 137 6.68 7.41 -32.17
CA TYR A 137 7.01 7.99 -30.89
C TYR A 137 5.73 8.05 -30.06
N ILE A 138 5.65 7.28 -28.97
CA ILE A 138 4.50 7.36 -28.07
C ILE A 138 4.81 8.36 -26.99
N ALA A 139 3.97 9.38 -26.92
CA ALA A 139 4.27 10.60 -26.18
C ALA A 139 3.87 10.45 -24.73
N GLU A 140 4.77 9.84 -23.98
CA GLU A 140 4.55 9.60 -22.57
C GLU A 140 5.28 10.71 -21.88
N ASN A 141 4.55 11.77 -21.56
CA ASN A 141 5.22 12.97 -21.07
C ASN A 141 5.84 12.81 -19.67
N PHE A 142 5.32 11.90 -18.85
CA PHE A 142 5.94 11.62 -17.53
C PHE A 142 7.42 11.17 -17.62
N ARG A 143 7.85 10.67 -18.78
CA ARG A 143 9.28 10.37 -18.98
C ARG A 143 10.13 11.62 -19.15
N HIS A 144 9.48 12.78 -19.13
CA HIS A 144 10.20 14.01 -19.38
C HIS A 144 9.99 14.99 -18.25
N VAL A 145 9.46 14.50 -17.12
CA VAL A 145 9.15 15.37 -15.99
C VAL A 145 10.39 15.50 -15.08
N PRO A 146 10.93 16.70 -14.89
CA PRO A 146 12.24 16.79 -14.20
C PRO A 146 12.29 16.21 -12.77
N ALA A 147 11.19 16.36 -12.01
CA ALA A 147 11.12 15.82 -10.67
C ALA A 147 11.43 14.34 -10.63
N PHE A 148 10.95 13.62 -11.64
CA PHE A 148 11.18 12.17 -11.71
C PHE A 148 12.64 11.87 -12.06
N TRP A 149 13.20 12.63 -12.99
CA TRP A 149 14.63 12.51 -13.28
C TRP A 149 15.48 12.78 -12.04
N LYS A 150 15.16 13.84 -11.29
CA LYS A 150 15.93 14.17 -10.09
C LYS A 150 15.81 13.06 -9.01
N ALA A 151 14.61 12.50 -8.86
CA ALA A 151 14.45 11.37 -7.96
C ALA A 151 15.33 10.22 -8.43
N LYS A 152 15.33 9.97 -9.75
CA LYS A 152 16.11 8.90 -10.36
C LYS A 152 17.57 9.05 -10.01
N GLU A 153 18.10 10.24 -10.20
CA GLU A 153 19.50 10.54 -9.90
C GLU A 153 19.84 10.32 -8.43
N LEU A 154 19.04 10.90 -7.53
CA LEU A 154 19.24 10.69 -6.11
C LEU A 154 19.30 9.20 -5.79
N VAL A 155 18.35 8.43 -6.30
CA VAL A 155 18.26 7.00 -5.97
C VAL A 155 19.45 6.22 -6.55
N GLU A 156 19.75 6.49 -7.81
CA GLU A 156 20.82 5.77 -8.49
C GLU A 156 22.23 6.09 -7.97
N SER A 157 22.37 7.20 -7.24
CA SER A 157 23.68 7.58 -6.73
C SER A 157 23.89 7.15 -5.28
N GLY A 158 22.88 6.52 -4.67
CA GLY A 158 22.97 6.01 -3.31
C GLY A 158 22.57 6.97 -2.19
N ALA A 159 21.80 8.02 -2.52
CA ALA A 159 21.41 9.04 -1.54
C ALA A 159 20.51 8.53 -0.41
N ILE A 160 19.75 7.46 -0.67
CA ILE A 160 18.96 6.84 0.40
C ILE A 160 19.43 5.41 0.71
N GLY A 161 20.58 5.02 0.16
CA GLY A 161 21.07 3.66 0.30
C GLY A 161 20.35 2.74 -0.65
N ASP A 162 20.06 1.53 -0.21
CA ASP A 162 19.36 0.58 -1.08
C ASP A 162 17.85 0.85 -1.00
N PRO A 163 17.22 1.10 -2.15
CA PRO A 163 15.77 1.37 -2.08
C PRO A 163 15.07 0.16 -1.48
N VAL A 164 14.17 0.39 -0.54
CA VAL A 164 13.45 -0.70 0.13
C VAL A 164 11.96 -0.74 -0.26
N PHE A 165 11.29 0.42 -0.15
CA PHE A 165 9.82 0.54 -0.30
C PHE A 165 9.43 1.89 -0.90
N ASN A 167 5.86 4.16 -2.01
CA ASN A 167 4.40 4.28 -1.98
C ASN A 167 3.97 5.52 -2.74
N TRP A 168 3.05 5.32 -3.66
CA TRP A 168 2.46 6.44 -4.37
C TRP A 168 0.95 6.31 -4.19
N GLN A 169 0.37 7.30 -3.54
CA GLN A 169 -1.07 7.36 -3.34
C GLN A 169 -1.59 8.59 -4.01
N ILE A 170 -2.54 8.42 -4.90
CA ILE A 170 -3.04 9.53 -5.70
C ILE A 170 -4.55 9.63 -5.56
N TRP A 171 -5.03 10.82 -5.24
CA TRP A 171 -6.47 11.00 -5.10
C TRP A 171 -6.94 12.13 -6.00
N VAL A 172 -7.39 11.80 -7.21
CA VAL A 172 -7.68 12.82 -8.23
C VAL A 172 -8.94 13.65 -7.97
N GLY A 173 -9.94 13.08 -7.30
CA GLY A 173 -11.20 13.77 -7.02
C GLY A 173 -11.92 14.38 -8.22
N ASP A 175 -14.77 15.26 -10.67
CA ASP A 175 -16.21 15.32 -10.49
C ASP A 175 -16.91 15.68 -11.80
N GLU A 176 -18.17 16.09 -11.71
CA GLU A 176 -18.99 16.33 -12.88
C GLU A 176 -18.49 17.52 -13.71
N ASN A 177 -17.67 18.38 -13.09
CA ASN A 177 -17.13 19.55 -13.78
C ASN A 177 -15.79 19.33 -14.47
N ASN A 178 -15.30 18.10 -14.43
CA ASN A 178 -14.05 17.79 -15.08
C ASN A 178 -14.32 17.51 -16.54
N LYS A 179 -13.57 18.19 -17.42
CA LYS A 179 -13.80 18.09 -18.86
C LYS A 179 -13.51 16.69 -19.46
N TYR A 180 -12.54 15.96 -18.92
CA TYR A 180 -12.17 14.65 -19.48
C TYR A 180 -13.28 13.64 -19.28
N VAL A 181 -14.02 13.83 -18.20
CA VAL A 181 -15.12 12.94 -17.83
C VAL A 181 -16.23 12.89 -18.91
N HIS A 182 -16.36 13.95 -19.69
CA HIS A 182 -17.48 14.05 -20.64
C HIS A 182 -17.22 13.61 -22.07
N THR A 183 -15.99 13.19 -22.36
CA THR A 183 -15.63 12.70 -23.68
C THR A 183 -16.15 11.27 -23.91
N ASP A 184 -16.68 11.06 -25.11
CA ASP A 184 -17.39 9.81 -25.46
C ASP A 184 -16.57 8.52 -25.25
N TRP A 185 -15.30 8.55 -25.67
CA TRP A 185 -14.44 7.37 -25.60
C TRP A 185 -13.91 7.08 -24.18
N ARG A 186 -14.04 8.04 -23.26
CA ARG A 186 -13.79 7.79 -21.83
C ARG A 186 -15.06 7.34 -21.05
N LYS A 187 -16.24 7.77 -21.51
CA LYS A 187 -17.50 7.41 -20.85
C LYS A 187 -17.83 5.94 -21.07
N LYS A 188 -17.50 5.47 -22.28
CA LYS A 188 -17.72 4.09 -22.68
C LYS A 188 -16.36 3.59 -23.13
N PRO A 189 -15.47 3.26 -22.16
CA PRO A 189 -14.07 3.00 -22.54
C PRO A 189 -13.86 1.72 -23.32
N LYS A 190 -12.99 1.76 -24.31
CA LYS A 190 -12.56 0.53 -24.98
C LYS A 190 -11.20 0.13 -24.44
N HIS A 191 -10.53 1.06 -23.75
CA HIS A 191 -9.23 0.77 -23.15
C HIS A 191 -9.31 -0.01 -21.80
N VAL A 192 -8.34 -0.89 -21.58
CA VAL A 192 -8.35 -1.75 -20.41
C VAL A 192 -8.40 -0.91 -19.13
N GLY A 193 -9.37 -1.20 -18.28
CA GLY A 193 -9.46 -0.54 -16.99
C GLY A 193 -9.92 0.89 -16.97
N GLY A 194 -10.39 1.40 -18.12
CA GLY A 194 -10.93 2.75 -18.20
C GLY A 194 -9.89 3.77 -17.75
N PHE A 195 -10.21 4.56 -16.73
CA PHE A 195 -9.30 5.60 -16.27
C PHE A 195 -8.04 5.02 -15.69
N LEU A 196 -8.08 3.76 -15.29
CA LEU A 196 -6.89 3.12 -14.76
C LEU A 196 -5.76 3.06 -15.79
N SER A 197 -6.07 2.79 -17.05
CA SER A 197 -5.04 2.85 -18.09
C SER A 197 -4.75 4.28 -18.54
N ASP A 198 -5.82 5.07 -18.67
CA ASP A 198 -5.72 6.42 -19.16
C ASP A 198 -4.69 7.23 -18.37
N GLY A 199 -4.83 7.27 -17.05
CA GLY A 199 -3.88 7.94 -16.20
C GLY A 199 -2.80 7.03 -15.66
N GLY A 200 -3.05 5.72 -15.63
CA GLY A 200 -2.10 4.77 -15.05
C GLY A 200 -0.77 4.63 -15.78
N VAL A 201 -0.81 4.63 -17.12
CA VAL A 201 0.43 4.58 -17.89
C VAL A 201 1.45 5.70 -17.46
N HIS A 202 0.97 6.90 -17.16
CA HIS A 202 1.84 7.95 -16.59
C HIS A 202 2.58 7.48 -15.34
N HIS A 203 1.81 6.96 -14.38
CA HIS A 203 2.39 6.50 -13.14
C HIS A 203 3.38 5.32 -13.32
N ALA A 204 3.06 4.37 -14.19
CA ALA A 204 3.99 3.27 -14.47
C ALA A 204 5.26 3.82 -15.10
N ALA A 205 5.09 4.79 -16.01
CA ALA A 205 6.24 5.39 -16.66
C ALA A 205 7.20 5.94 -15.59
N ALA A 206 6.64 6.69 -14.65
CA ALA A 206 7.45 7.32 -13.60
C ALA A 206 8.13 6.29 -12.69
N ARG A 208 8.89 3.20 -13.33
CA ARG A 208 9.92 2.49 -14.08
C ARG A 208 11.16 3.37 -14.31
N LEU A 209 10.94 4.67 -14.49
CA LEU A 209 12.07 5.56 -14.71
C LEU A 209 12.95 5.62 -13.45
N ILE A 210 12.30 5.69 -12.30
CA ILE A 210 13.02 5.90 -11.06
C ILE A 210 13.59 4.60 -10.53
N LEU A 211 12.86 3.50 -10.66
CA LEU A 211 13.27 2.24 -10.03
C LEU A 211 13.51 1.04 -10.93
N GLY A 212 13.22 1.17 -12.23
CA GLY A 212 13.44 0.09 -13.21
C GLY A 212 12.20 -0.78 -13.38
N GLU A 213 12.37 -1.95 -13.99
CA GLU A 213 11.27 -2.84 -14.37
C GLU A 213 10.61 -3.54 -13.22
N ILE A 214 9.31 -3.76 -13.36
CA ILE A 214 8.53 -4.45 -12.36
C ILE A 214 8.39 -5.94 -12.68
N GLU A 215 8.62 -6.79 -11.68
CA GLU A 215 8.54 -8.25 -11.87
C GLU A 215 7.14 -8.82 -11.73
N TRP A 216 6.47 -8.50 -10.63
CA TRP A 216 5.14 -9.02 -10.39
C TRP A 216 4.31 -7.99 -9.65
N ILE A 217 3.00 -8.08 -9.85
CA ILE A 217 2.05 -7.23 -9.15
C ILE A 217 0.94 -8.09 -8.61
N SER A 218 0.22 -7.55 -7.64
CA SER A 218 -0.98 -8.15 -7.09
C SER A 218 -1.86 -6.94 -6.79
N ALA A 219 -3.07 -6.89 -7.32
CA ALA A 219 -3.83 -5.64 -7.21
C ALA A 219 -5.31 -5.87 -7.15
N VAL A 220 -6.03 -4.90 -6.61
CA VAL A 220 -7.48 -4.96 -6.60
C VAL A 220 -8.06 -3.67 -7.22
N ALA A 221 -8.87 -3.83 -8.27
CA ALA A 221 -9.45 -2.73 -9.03
C ALA A 221 -10.95 -2.69 -8.82
N LYS A 222 -11.48 -1.49 -8.53
CA LYS A 222 -12.92 -1.31 -8.32
C LYS A 222 -13.54 -0.18 -9.16
N ASP A 223 -14.84 -0.27 -9.39
CA ASP A 223 -15.59 0.75 -10.11
C ASP A 223 -16.48 1.47 -9.10
N LEU A 224 -16.04 2.63 -8.60
CA LEU A 224 -16.70 3.29 -7.46
C LEU A 224 -17.56 4.50 -7.82
N SER A 225 -17.33 5.06 -8.99
CA SER A 225 -18.11 6.19 -9.47
C SER A 225 -18.89 5.84 -10.75
N PRO A 226 -20.21 6.08 -10.75
CA PRO A 226 -21.00 5.88 -11.98
C PRO A 226 -20.70 7.00 -12.97
N LEU A 227 -19.92 7.98 -12.54
CA LEU A 227 -19.62 9.12 -13.38
C LEU A 227 -18.46 8.80 -14.29
N LEU A 228 -17.58 7.92 -13.85
CA LEU A 228 -16.36 7.61 -14.60
C LEU A 228 -16.50 6.25 -15.25
N GLY A 229 -16.38 6.24 -16.58
CA GLY A 229 -16.60 5.03 -17.35
C GLY A 229 -15.53 4.01 -17.00
N GLY A 230 -15.97 2.82 -16.60
CA GLY A 230 -15.06 1.72 -16.30
C GLY A 230 -14.56 1.80 -14.88
N ASP A 232 -12.11 2.80 -11.65
CA ASP A 232 -11.64 4.12 -11.26
C ASP A 232 -10.88 4.10 -9.93
N PHE A 233 -10.76 2.92 -9.34
CA PHE A 233 -9.99 2.74 -8.13
C PHE A 233 -9.05 1.55 -8.28
N LEU A 234 -7.82 1.70 -7.81
CA LEU A 234 -6.87 0.61 -7.91
C LEU A 234 -5.95 0.65 -6.68
N SER A 235 -5.73 -0.49 -6.04
CA SER A 235 -4.68 -0.62 -5.03
C SER A 235 -3.81 -1.84 -5.33
N SER A 236 -2.50 -1.67 -5.25
CA SER A 236 -1.56 -2.68 -5.71
C SER A 236 -0.30 -2.79 -4.86
N ILE A 237 0.24 -4.00 -4.77
CA ILE A 237 1.64 -4.18 -4.36
C ILE A 237 2.38 -4.84 -5.48
N PHE A 238 3.67 -4.60 -5.51
CA PHE A 238 4.49 -5.18 -6.56
C PHE A 238 5.94 -5.18 -6.07
N GLU A 239 6.79 -5.85 -6.82
CA GLU A 239 8.20 -5.87 -6.50
C GLU A 239 8.94 -5.54 -7.79
N PHE A 240 9.89 -4.63 -7.70
CA PHE A 240 10.75 -4.37 -8.84
C PHE A 240 11.76 -5.54 -8.98
N GLU A 241 12.33 -5.68 -10.17
CA GLU A 241 13.37 -6.71 -10.39
C GLU A 241 14.54 -6.52 -9.47
N ASN A 242 14.75 -5.28 -8.99
CA ASN A 242 15.88 -5.00 -8.07
C ASN A 242 15.59 -5.39 -6.61
N GLY A 243 14.36 -5.81 -6.33
CA GLY A 243 14.00 -6.23 -4.97
C GLY A 243 13.21 -5.20 -4.18
N THR A 244 13.04 -4.00 -4.74
CA THR A 244 12.29 -2.94 -4.08
C THR A 244 10.81 -3.29 -4.10
N VAL A 245 10.12 -3.01 -2.99
CA VAL A 245 8.67 -3.22 -2.90
C VAL A 245 7.93 -1.93 -3.16
N GLY A 246 6.87 -2.03 -3.96
CA GLY A 246 6.05 -0.87 -4.28
C GLY A 246 4.61 -1.02 -3.81
N ASN A 247 4.00 0.10 -3.45
CA ASN A 247 2.55 0.22 -3.27
C ASN A 247 2.06 1.36 -4.15
N TYR A 248 1.07 1.10 -4.97
CA TYR A 248 0.52 2.14 -5.80
C TYR A 248 -0.98 2.04 -5.66
N THR A 249 -1.59 3.12 -5.13
CA THR A 249 -3.04 3.21 -4.91
C THR A 249 -3.58 4.51 -5.52
N ILE A 250 -4.68 4.42 -6.26
CA ILE A 250 -5.27 5.62 -6.85
C ILE A 250 -6.78 5.53 -6.91
N SER A 251 -7.43 6.64 -6.64
CA SER A 251 -8.86 6.80 -6.88
C SER A 251 -9.02 7.98 -7.81
N TYR A 252 -9.66 7.77 -8.94
CA TYR A 252 -9.90 8.91 -9.81
C TYR A 252 -11.06 9.77 -9.31
N SER A 253 -11.89 9.26 -8.41
CA SER A 253 -13.11 9.97 -8.03
C SER A 253 -13.10 10.59 -6.63
N LEU A 254 -12.29 10.03 -5.71
CA LEU A 254 -12.22 10.55 -4.35
C LEU A 254 -11.06 11.52 -4.11
N LYS A 255 -11.22 12.37 -3.09
CA LYS A 255 -10.29 13.44 -2.72
C LYS A 255 -9.31 13.04 -1.62
N GLY A 256 -8.13 13.65 -1.68
CA GLY A 256 -7.10 13.47 -0.64
C GLY A 256 -5.78 14.06 -1.08
N ASN A 257 -4.75 13.85 -0.25
CA ASN A 257 -3.40 14.31 -0.57
C ASN A 257 -2.48 13.19 -1.15
N GLU A 258 -2.00 13.43 -2.37
CA GLU A 258 -0.88 12.69 -2.93
C GLU A 258 0.27 12.57 -1.91
N ARG A 259 0.80 11.37 -1.76
CA ARG A 259 2.12 11.17 -1.19
C ARG A 259 2.86 10.31 -2.19
N PHE A 260 4.11 10.65 -2.47
CA PHE A 260 4.95 9.83 -3.30
C PHE A 260 6.30 9.74 -2.59
N GLU A 261 6.56 8.58 -1.94
CA GLU A 261 7.70 8.40 -1.02
C GLU A 261 8.53 7.18 -1.37
N ILE A 262 9.84 7.31 -1.23
CA ILE A 262 10.75 6.17 -1.45
C ILE A 262 11.67 6.10 -0.23
N THR A 263 11.63 4.96 0.45
CA THR A 263 12.42 4.75 1.65
C THR A 263 13.48 3.71 1.33
N GLY A 264 14.72 4.03 1.69
CA GLY A 264 15.84 3.12 1.54
C GLY A 264 16.47 2.77 2.88
N THR A 265 17.64 2.15 2.82
CA THR A 265 18.32 1.67 4.03
C THR A 265 18.97 2.81 4.76
N LYS A 266 19.25 3.91 4.05
CA LYS A 266 19.99 5.03 4.62
C LYS A 266 19.18 6.34 4.79
N GLY A 267 17.95 6.37 4.30
CA GLY A 267 17.08 7.53 4.42
C GLY A 267 15.91 7.49 3.44
N LYS A 268 15.27 8.64 3.23
CA LYS A 268 14.02 8.70 2.48
C LYS A 268 13.91 9.92 1.55
N ILE A 269 13.11 9.79 0.49
CA ILE A 269 12.73 10.94 -0.31
C ILE A 269 11.22 11.03 -0.51
N SER A 270 10.74 12.26 -0.54
CA SER A 270 9.38 12.51 -0.95
C SER A 270 9.43 13.36 -2.23
N ILE A 271 8.53 13.05 -3.15
CA ILE A 271 8.56 13.60 -4.51
C ILE A 271 7.30 14.41 -4.80
N SER A 272 7.48 15.64 -5.31
CA SER A 272 6.36 16.44 -5.82
C SER A 272 6.74 17.15 -7.11
N TRP A 273 5.73 17.67 -7.80
CA TRP A 273 5.90 18.43 -9.05
C TRP A 273 7.03 19.44 -8.90
N ASP A 274 7.05 20.13 -7.75
CA ASP A 274 7.91 21.31 -7.57
C ASP A 274 9.12 21.14 -6.66
N LYS A 275 9.28 19.96 -6.07
CA LYS A 275 10.37 19.74 -5.12
C LYS A 275 10.57 18.28 -4.71
N ILE A 276 11.80 17.97 -4.34
CA ILE A 276 12.11 16.70 -3.72
C ILE A 276 12.61 17.03 -2.32
N VAL A 277 12.18 16.24 -1.35
CA VAL A 277 12.67 16.36 -0.01
C VAL A 277 13.47 15.09 0.31
N LEU A 278 14.74 15.28 0.70
CA LEU A 278 15.66 14.19 1.01
C LEU A 278 15.93 14.25 2.49
N ASN A 279 15.29 13.35 3.24
CA ASN A 279 15.31 13.42 4.69
C ASN A 279 14.74 14.75 5.11
N GLU A 280 15.58 15.64 5.61
CA GLU A 280 15.12 16.94 6.09
C GLU A 280 15.33 18.06 5.04
N GLU A 281 16.02 17.70 3.94
CA GLU A 281 16.52 18.69 2.97
C GLU A 281 15.61 18.90 1.78
N GLU A 282 15.16 20.13 1.59
CA GLU A 282 14.35 20.45 0.43
C GLU A 282 15.22 20.83 -0.77
N LYS A 284 14.18 22.40 -4.51
CA LYS A 284 13.18 22.82 -5.49
C LYS A 284 13.56 22.28 -6.85
N VAL A 285 12.58 21.72 -7.56
CA VAL A 285 12.80 21.29 -8.92
C VAL A 285 12.37 22.43 -9.86
N PRO A 286 13.32 22.97 -10.67
CA PRO A 286 12.94 24.04 -11.61
C PRO A 286 11.91 23.50 -12.58
N GLN A 287 10.84 24.26 -12.77
CA GLN A 287 9.70 23.80 -13.55
C GLN A 287 9.96 23.76 -15.06
N GLU A 288 9.31 22.81 -15.74
CA GLU A 288 9.44 22.65 -17.20
C GLU A 288 8.17 22.13 -17.84
N ASN A 289 8.01 22.40 -19.12
CA ASN A 289 6.86 21.89 -19.85
C ASN A 289 7.28 20.55 -20.43
N SER A 290 6.69 19.45 -19.95
CA SER A 290 7.05 18.12 -20.40
C SER A 290 6.59 17.80 -21.82
N TYR A 291 5.46 18.38 -22.24
CA TYR A 291 4.99 18.25 -23.62
C TYR A 291 5.97 18.89 -24.57
N GLN A 292 6.47 20.06 -24.18
CA GLN A 292 7.45 20.75 -24.99
C GLN A 292 8.70 19.88 -25.06
N LYS A 293 9.07 19.32 -23.92
CA LYS A 293 10.27 18.51 -23.82
C LYS A 293 10.18 17.25 -24.69
N GLU A 294 9.00 16.65 -24.75
CA GLU A 294 8.84 15.47 -25.56
C GLU A 294 8.87 15.80 -27.06
N PHE A 295 8.38 16.98 -27.45
CA PHE A 295 8.41 17.37 -28.86
C PHE A 295 9.83 17.67 -29.33
N GLU A 296 10.61 18.27 -28.44
CA GLU A 296 12.02 18.47 -28.68
C GLU A 296 12.70 17.13 -28.93
N ASP A 297 12.37 16.14 -28.09
CA ASP A 297 13.02 14.84 -28.14
C ASP A 297 12.68 14.12 -29.45
N PHE A 298 11.40 14.18 -29.81
CA PHE A 298 10.89 13.65 -31.08
C PHE A 298 11.58 14.32 -32.28
N TYR A 299 11.82 15.62 -32.18
CA TYR A 299 12.54 16.32 -33.23
C TYR A 299 13.93 15.73 -33.40
N GLN A 300 14.58 15.43 -32.29
CA GLN A 300 15.97 14.98 -32.32
C GLN A 300 16.04 13.54 -32.85
N VAL A 301 15.02 12.75 -32.51
CA VAL A 301 14.90 11.39 -33.00
C VAL A 301 14.72 11.40 -34.51
N VAL A 302 13.78 12.22 -34.97
CA VAL A 302 13.47 12.27 -36.38
C VAL A 302 14.55 12.93 -37.20
N ALA A 303 15.03 14.08 -36.77
CA ALA A 303 15.88 14.91 -37.63
C ALA A 303 17.36 14.74 -37.38
N GLU A 304 17.74 14.52 -36.13
CA GLU A 304 19.14 14.52 -35.72
C GLU A 304 19.67 13.16 -35.33
N GLY A 305 18.93 12.09 -35.65
CA GLY A 305 19.35 10.70 -35.38
C GLY A 305 19.57 10.28 -33.92
N LYS A 306 18.87 10.91 -32.98
CA LYS A 306 18.92 10.48 -31.58
C LYS A 306 18.14 9.17 -31.42
N PRO A 307 18.71 8.19 -30.72
CA PRO A 307 17.97 6.97 -30.39
C PRO A 307 16.66 7.26 -29.68
N ASN A 308 15.66 6.41 -29.93
CA ASN A 308 14.33 6.59 -29.36
C ASN A 308 14.12 5.85 -28.02
N ASP A 309 14.74 6.35 -26.95
CA ASP A 309 14.59 5.72 -25.63
C ASP A 309 13.26 6.07 -24.98
N LEU A 310 12.92 7.36 -24.98
CA LEU A 310 11.88 7.89 -24.14
C LEU A 310 10.53 7.91 -24.83
N GLY A 311 10.51 7.95 -26.15
CA GLY A 311 9.26 7.84 -26.91
C GLY A 311 9.05 6.43 -27.43
N SER A 312 10.00 5.56 -27.16
CA SER A 312 9.95 4.14 -27.52
C SER A 312 8.60 3.43 -27.33
N PRO A 313 8.03 2.88 -28.42
CA PRO A 313 6.81 2.07 -28.30
C PRO A 313 6.93 0.94 -27.25
N VAL A 314 8.09 0.28 -27.18
CA VAL A 314 8.36 -0.80 -26.23
C VAL A 314 8.18 -0.31 -24.80
N GLN A 315 8.67 0.90 -24.51
CA GLN A 315 8.51 1.51 -23.17
C GLN A 315 7.05 1.70 -22.82
N ALA A 316 6.27 2.14 -23.81
CA ALA A 316 4.87 2.48 -23.56
C ALA A 316 4.11 1.18 -23.36
N LEU A 317 4.54 0.15 -24.08
CA LEU A 317 3.87 -1.13 -23.96
C LEU A 317 4.09 -1.66 -22.54
N LYS A 318 5.31 -1.51 -22.03
CA LYS A 318 5.61 -1.88 -20.64
C LYS A 318 4.80 -1.08 -19.63
N ASP A 319 4.55 0.20 -19.90
CA ASP A 319 3.69 0.97 -19.01
C ASP A 319 2.28 0.35 -18.98
N LEU A 320 1.77 0.03 -20.17
CA LEU A 320 0.42 -0.46 -20.27
C LEU A 320 0.32 -1.83 -19.59
N ALA A 321 1.30 -2.69 -19.85
CA ALA A 321 1.39 -4.02 -19.22
C ALA A 321 1.28 -4.01 -17.68
N PHE A 322 1.95 -3.07 -17.03
CA PHE A 322 1.81 -2.90 -15.59
C PHE A 322 0.34 -2.70 -15.20
N ILE A 323 -0.34 -1.75 -15.85
CA ILE A 323 -1.74 -1.48 -15.56
C ILE A 323 -2.63 -2.66 -15.94
N GLU A 324 -2.45 -3.21 -17.14
CA GLU A 324 -3.26 -4.35 -17.53
C GLU A 324 -3.13 -5.53 -16.53
N ALA A 325 -1.93 -5.75 -16.02
CA ALA A 325 -1.72 -6.78 -14.97
C ALA A 325 -2.54 -6.50 -13.71
N CYS A 326 -2.47 -5.27 -13.20
CA CYS A 326 -3.28 -4.83 -12.07
C CYS A 326 -4.78 -5.01 -12.25
N VAL A 327 -5.29 -4.66 -13.42
CA VAL A 327 -6.71 -4.78 -13.75
C VAL A 327 -7.16 -6.21 -13.66
N ARG A 328 -6.34 -7.13 -14.17
CA ARG A 328 -6.76 -8.51 -14.18
C ARG A 328 -6.32 -9.34 -12.97
N SER A 329 -5.46 -8.77 -12.13
CA SER A 329 -4.98 -9.49 -10.93
C SER A 329 -6.08 -10.01 -10.00
N ALA A 330 -7.09 -9.19 -9.71
CA ALA A 330 -8.09 -9.55 -8.70
C ALA A 330 -7.40 -10.09 -7.43
N GLY A 331 -6.23 -9.52 -7.13
CA GLY A 331 -5.46 -9.87 -5.96
C GLY A 331 -4.53 -11.04 -6.16
N ASN A 332 -4.59 -11.66 -7.32
CA ASN A 332 -3.67 -12.73 -7.64
C ASN A 332 -2.34 -12.20 -8.18
N LYS A 333 -1.28 -12.95 -7.95
CA LYS A 333 0.05 -12.52 -8.36
C LYS A 333 0.14 -12.62 -9.88
N VAL A 334 0.51 -11.53 -10.53
CA VAL A 334 0.69 -11.57 -11.97
C VAL A 334 2.12 -11.16 -12.29
N PHE A 335 2.85 -12.03 -12.99
CA PHE A 335 4.18 -11.71 -13.47
C PHE A 335 4.04 -10.93 -14.78
N VAL A 336 4.48 -9.67 -14.73
CA VAL A 336 4.28 -8.74 -15.83
C VAL A 336 4.85 -9.22 -17.15
N SER A 337 6.05 -9.80 -17.14
CA SER A 337 6.59 -10.43 -18.34
C SER A 337 5.60 -11.29 -19.14
N SER A 338 4.70 -12.03 -18.47
CA SER A 338 3.81 -12.99 -19.14
C SER A 338 2.82 -12.31 -20.07
N LEU A 339 2.68 -11.00 -19.95
CA LEU A 339 1.80 -10.24 -20.82
C LEU A 339 2.56 -9.76 -22.04
N LEU A 340 3.87 -9.72 -21.93
CA LEU A 340 4.71 -9.16 -22.99
C LEU A 340 5.18 -10.21 -23.99
N ARG B 17 -14.69 -9.69 46.69
CA ARG B 17 -13.42 -10.41 46.96
C ARG B 17 -12.44 -10.22 45.79
N LYS B 18 -11.18 -10.58 45.99
CA LYS B 18 -10.11 -10.27 45.04
C LYS B 18 -9.55 -11.51 44.34
N ILE B 19 -9.11 -11.35 43.09
CA ILE B 19 -8.50 -12.45 42.32
C ILE B 19 -7.04 -12.68 42.76
N ARG B 20 -6.76 -13.88 43.25
CA ARG B 20 -5.40 -14.26 43.64
C ARG B 20 -4.62 -14.62 42.39
N LEU B 21 -3.60 -13.83 42.09
CA LEU B 21 -2.91 -13.91 40.82
C LEU B 21 -1.44 -14.21 40.98
N GLY B 22 -0.99 -15.24 40.26
CA GLY B 22 0.44 -15.58 40.18
C GLY B 22 1.09 -15.10 38.89
N ILE B 23 2.27 -14.51 39.01
CA ILE B 23 3.01 -14.03 37.86
C ILE B 23 3.99 -15.10 37.38
N VAL B 24 3.96 -15.38 36.09
CA VAL B 24 4.83 -16.39 35.51
C VAL B 24 5.62 -15.75 34.37
N GLY B 25 6.94 -15.71 34.52
CA GLY B 25 7.82 -15.02 33.58
C GLY B 25 8.04 -13.57 33.98
N CYS B 26 9.12 -13.30 34.72
CA CYS B 26 9.40 -11.97 35.23
C CYS B 26 10.40 -11.21 34.36
N GLY B 27 9.99 -10.97 33.12
CA GLY B 27 10.76 -10.17 32.18
C GLY B 27 10.15 -8.80 31.99
N ILE B 28 10.49 -8.19 30.86
CA ILE B 28 10.15 -6.80 30.54
C ILE B 28 8.66 -6.46 30.73
N ALA B 29 7.81 -7.18 30.00
CA ALA B 29 6.38 -6.98 30.02
C ALA B 29 5.81 -7.08 31.44
N ALA B 30 6.36 -7.99 32.24
CA ALA B 30 5.86 -8.21 33.60
C ALA B 30 6.19 -7.03 34.51
N ARG B 31 7.43 -6.54 34.44
CA ARG B 31 7.84 -5.44 35.31
C ARG B 31 7.24 -4.12 34.85
N GLU B 32 7.37 -3.87 33.54
CA GLU B 32 7.22 -2.53 32.99
C GLU B 32 5.81 -2.21 32.51
N LEU B 33 5.06 -3.24 32.15
CA LEU B 33 3.75 -3.03 31.56
C LEU B 33 2.66 -3.55 32.49
N HIS B 34 2.82 -4.79 32.95
CA HIS B 34 1.84 -5.46 33.78
C HIS B 34 1.79 -4.98 35.24
N LEU B 35 2.94 -4.86 35.89
CA LEU B 35 2.94 -4.50 37.32
C LEU B 35 2.34 -3.12 37.63
N PRO B 36 2.76 -2.06 36.92
CA PRO B 36 2.14 -0.76 37.17
C PRO B 36 0.62 -0.81 37.08
N ALA B 37 0.11 -1.54 36.09
CA ALA B 37 -1.33 -1.66 35.88
C ALA B 37 -2.00 -2.34 37.07
N LEU B 38 -1.44 -3.47 37.50
CA LEU B 38 -1.91 -4.18 38.68
C LEU B 38 -1.82 -3.34 39.95
N LYS B 39 -0.78 -2.51 40.08
CA LYS B 39 -0.61 -1.67 41.28
C LYS B 39 -1.72 -0.63 41.41
N ASN B 40 -2.26 -0.20 40.27
CA ASN B 40 -3.45 0.63 40.22
C ASN B 40 -4.75 -0.17 40.37
N LEU B 41 -4.63 -1.51 40.30
CA LEU B 41 -5.80 -2.36 40.47
C LEU B 41 -5.68 -3.27 41.70
N SER B 42 -5.15 -2.71 42.79
CA SER B 42 -4.89 -3.48 44.01
C SER B 42 -6.19 -3.86 44.72
N HIS B 43 -7.28 -3.22 44.35
CA HIS B 43 -8.59 -3.51 44.93
C HIS B 43 -9.25 -4.69 44.21
N LEU B 44 -8.66 -5.11 43.09
CA LEU B 44 -9.15 -6.24 42.30
C LEU B 44 -8.13 -7.38 42.15
N PHE B 45 -6.85 -7.07 42.37
CA PHE B 45 -5.79 -8.09 42.31
C PHE B 45 -4.82 -8.05 43.47
N GLU B 46 -4.52 -9.24 43.97
CA GLU B 46 -3.44 -9.42 44.93
C GLU B 46 -2.46 -10.37 44.27
N ILE B 47 -1.20 -9.98 44.25
CA ILE B 47 -0.16 -10.87 43.74
C ILE B 47 0.36 -11.69 44.90
N THR B 48 0.15 -13.00 44.81
CA THR B 48 0.46 -13.93 45.89
C THR B 48 1.64 -14.86 45.56
N ALA B 49 1.79 -15.21 44.28
CA ALA B 49 2.82 -16.12 43.81
C ALA B 49 3.57 -15.59 42.60
N VAL B 50 4.83 -15.96 42.50
CA VAL B 50 5.72 -15.49 41.43
C VAL B 50 6.73 -16.60 41.08
N THR B 51 7.08 -16.70 39.80
CA THR B 51 8.03 -17.70 39.31
C THR B 51 8.66 -17.29 37.99
N SER B 52 9.92 -17.61 37.78
CA SER B 52 10.60 -17.25 36.52
C SER B 52 11.66 -18.30 36.18
N ARG B 53 12.24 -18.26 34.99
CA ARG B 53 13.36 -19.16 34.67
C ARG B 53 14.59 -18.93 35.56
N THR B 54 14.94 -17.65 35.77
CA THR B 54 16.01 -17.28 36.70
C THR B 54 15.43 -16.89 38.06
N ARG B 55 15.77 -17.63 39.13
CA ARG B 55 15.22 -17.35 40.45
C ARG B 55 15.51 -15.92 40.92
N SER B 56 16.68 -15.39 40.58
CA SER B 56 17.05 -14.04 41.00
C SER B 56 16.17 -12.94 40.34
N HIS B 57 15.73 -13.16 39.10
CA HIS B 57 14.81 -12.20 38.48
C HIS B 57 13.44 -12.25 39.13
N ALA B 58 13.06 -13.43 39.60
CA ALA B 58 11.78 -13.61 40.27
C ALA B 58 11.78 -12.95 41.65
N GLU B 59 12.92 -13.05 42.33
CA GLU B 59 13.12 -12.43 43.64
C GLU B 59 13.15 -10.89 43.58
N GLU B 60 13.74 -10.34 42.52
CA GLU B 60 13.72 -8.89 42.28
C GLU B 60 12.30 -8.40 42.03
N PHE B 61 11.57 -9.15 41.21
CA PHE B 61 10.18 -8.83 40.91
C PHE B 61 9.31 -8.89 42.18
N ALA B 62 9.57 -9.88 43.02
CA ALA B 62 8.89 -10.03 44.30
C ALA B 62 9.07 -8.79 45.17
N LYS B 63 10.32 -8.33 45.28
CA LYS B 63 10.65 -7.10 46.01
C LYS B 63 9.88 -5.88 45.44
N VAL B 65 6.83 -6.12 44.11
CA VAL B 65 5.42 -6.39 44.40
C VAL B 65 5.04 -6.17 45.88
N GLY B 66 5.94 -6.54 46.78
CA GLY B 66 5.69 -6.50 48.21
C GLY B 66 6.35 -7.69 48.87
N ASN B 67 5.61 -8.79 48.98
CA ASN B 67 6.12 -10.02 49.59
C ASN B 67 5.40 -11.29 49.11
N PRO B 68 5.32 -11.49 47.78
CA PRO B 68 4.69 -12.71 47.28
C PRO B 68 5.58 -13.94 47.46
N ALA B 69 4.99 -15.12 47.36
CA ALA B 69 5.74 -16.36 47.47
C ALA B 69 6.50 -16.66 46.17
N VAL B 70 7.78 -16.95 46.30
CA VAL B 70 8.62 -17.25 45.15
C VAL B 70 8.79 -18.76 44.97
N PHE B 71 8.48 -19.24 43.77
CA PHE B 71 8.51 -20.65 43.46
C PHE B 71 9.57 -20.96 42.41
N ASP B 72 10.26 -22.09 42.59
CA ASP B 72 11.29 -22.51 41.65
C ASP B 72 10.75 -23.00 40.31
N SER B 73 9.47 -23.36 40.28
CA SER B 73 8.83 -23.87 39.07
C SER B 73 7.35 -23.51 38.98
N TYR B 74 6.88 -23.29 37.75
CA TYR B 74 5.47 -23.10 37.45
C TYR B 74 4.56 -24.16 38.09
N GLU B 75 4.94 -25.42 37.91
CA GLU B 75 4.12 -26.56 38.35
C GLU B 75 3.84 -26.49 39.85
N GLU B 76 4.82 -26.04 40.62
CA GLU B 76 4.71 -25.98 42.07
C GLU B 76 3.78 -24.86 42.50
N LEU B 77 3.86 -23.75 41.76
CA LEU B 77 3.06 -22.57 42.02
C LEU B 77 1.60 -22.93 41.80
N LEU B 78 1.36 -23.71 40.74
CA LEU B 78 0.02 -24.19 40.45
C LEU B 78 -0.55 -25.15 41.52
N GLU B 79 0.29 -25.97 42.13
CA GLU B 79 -0.18 -26.91 43.16
C GLU B 79 -0.15 -26.30 44.56
N SER B 80 0.20 -25.02 44.66
CA SER B 80 0.44 -24.45 45.99
C SER B 80 -0.83 -23.99 46.69
N GLY B 81 -1.92 -23.92 45.93
CA GLY B 81 -3.21 -23.45 46.45
C GLY B 81 -3.26 -21.95 46.74
N LEU B 82 -2.32 -21.17 46.19
CA LEU B 82 -2.23 -19.75 46.53
C LEU B 82 -2.85 -18.81 45.48
N VAL B 83 -3.19 -19.37 44.32
CA VAL B 83 -3.68 -18.56 43.21
C VAL B 83 -5.00 -19.04 42.62
N ASP B 84 -5.84 -18.09 42.24
CA ASP B 84 -7.04 -18.36 41.45
C ASP B 84 -6.73 -18.35 39.95
N ALA B 85 -5.73 -17.57 39.56
CA ALA B 85 -5.37 -17.36 38.16
C ALA B 85 -3.89 -17.10 38.00
N VAL B 86 -3.39 -17.33 36.80
CA VAL B 86 -2.02 -16.99 36.51
C VAL B 86 -1.91 -16.04 35.33
N ASP B 87 -0.84 -15.26 35.35
CA ASP B 87 -0.53 -14.29 34.32
C ASP B 87 0.76 -14.72 33.62
N LEU B 88 0.63 -15.08 32.35
CA LEU B 88 1.73 -15.64 31.61
C LEU B 88 2.36 -14.56 30.76
N THR B 89 3.63 -14.26 31.07
CA THR B 89 4.41 -13.29 30.31
C THR B 89 5.71 -13.95 29.87
N LEU B 90 5.54 -14.85 28.90
CA LEU B 90 6.55 -15.84 28.54
C LEU B 90 6.91 -15.78 27.06
N PRO B 91 8.05 -16.43 26.71
CA PRO B 91 8.32 -16.76 25.32
C PRO B 91 7.11 -17.44 24.75
N VAL B 92 6.66 -17.00 23.58
CA VAL B 92 5.41 -17.48 23.02
C VAL B 92 5.33 -19.03 22.86
N GLU B 93 6.47 -19.68 22.62
CA GLU B 93 6.51 -21.15 22.50
C GLU B 93 5.93 -21.88 23.71
N LEU B 94 5.87 -21.18 24.86
CA LEU B 94 5.42 -21.77 26.13
C LEU B 94 3.94 -21.58 26.44
N ASN B 95 3.25 -20.74 25.66
CA ASN B 95 1.85 -20.46 25.92
C ASN B 95 0.99 -21.70 25.95
N LEU B 96 1.02 -22.48 24.86
CA LEU B 96 0.19 -23.69 24.80
C LEU B 96 0.39 -24.62 26.01
N PRO B 97 1.62 -25.13 26.22
CA PRO B 97 1.81 -26.03 27.37
C PRO B 97 1.46 -25.43 28.72
N PHE B 98 1.72 -24.14 28.93
CA PHE B 98 1.47 -23.53 30.25
C PHE B 98 -0.02 -23.30 30.53
N ILE B 99 -0.75 -22.93 29.46
CA ILE B 99 -2.20 -22.80 29.52
C ILE B 99 -2.83 -24.13 29.87
N GLU B 100 -2.37 -25.19 29.19
CA GLU B 100 -2.88 -26.53 29.41
C GLU B 100 -2.66 -26.99 30.84
N LYS B 101 -1.47 -26.74 31.38
CA LYS B 101 -1.16 -27.10 32.77
C LYS B 101 -2.09 -26.37 33.75
N ALA B 102 -2.35 -25.09 33.52
CA ALA B 102 -3.15 -24.32 34.45
C ALA B 102 -4.63 -24.77 34.45
N LEU B 103 -5.20 -24.96 33.25
CA LEU B 103 -6.59 -25.40 33.10
C LEU B 103 -6.82 -26.78 33.70
N ARG B 104 -5.77 -27.59 33.73
CA ARG B 104 -5.82 -28.94 34.27
C ARG B 104 -5.71 -28.94 35.80
N LYS B 105 -5.48 -27.77 36.39
CA LYS B 105 -5.45 -27.60 37.84
C LYS B 105 -6.64 -26.79 38.39
N GLY B 106 -7.43 -26.22 37.47
CA GLY B 106 -8.60 -25.43 37.84
C GLY B 106 -8.27 -23.96 38.05
N VAL B 107 -7.35 -23.45 37.24
CA VAL B 107 -6.79 -22.11 37.42
C VAL B 107 -7.01 -21.30 36.15
N HIS B 108 -7.55 -20.09 36.28
CA HIS B 108 -7.75 -19.21 35.13
C HIS B 108 -6.42 -18.71 34.65
N VAL B 109 -6.36 -18.34 33.38
CA VAL B 109 -5.13 -17.90 32.76
C VAL B 109 -5.38 -16.59 32.02
N ILE B 110 -4.60 -15.57 32.36
CA ILE B 110 -4.42 -14.45 31.46
C ILE B 110 -3.03 -14.60 30.87
N CYS B 111 -2.97 -14.59 29.54
CA CYS B 111 -1.75 -14.86 28.80
C CYS B 111 -1.49 -13.78 27.76
N GLU B 112 -0.21 -13.44 27.60
CA GLU B 112 0.16 -12.43 26.64
C GLU B 112 0.06 -12.92 25.20
N LYS B 113 -0.23 -11.99 24.29
CA LYS B 113 -0.14 -12.23 22.86
C LYS B 113 1.30 -12.46 22.42
N PRO B 114 1.53 -13.06 21.23
CA PRO B 114 0.52 -13.66 20.37
C PRO B 114 -0.01 -14.91 21.06
N ILE B 115 -1.16 -15.40 20.61
CA ILE B 115 -1.76 -16.57 21.22
C ILE B 115 -0.81 -17.77 21.21
N SER B 116 -0.11 -17.99 20.11
CA SER B 116 0.90 -19.03 20.03
C SER B 116 1.89 -18.70 18.91
N THR B 117 2.71 -19.68 18.54
CA THR B 117 3.76 -19.50 17.56
C THR B 117 3.24 -19.53 16.13
N ASP B 118 2.07 -20.12 15.94
CA ASP B 118 1.50 -20.34 14.60
C ASP B 118 0.06 -20.76 14.75
N VAL B 119 -0.70 -20.68 13.68
CA VAL B 119 -2.13 -21.00 13.72
C VAL B 119 -2.44 -22.45 14.13
N GLU B 120 -1.74 -23.42 13.55
CA GLU B 120 -1.91 -24.82 13.92
C GLU B 120 -1.84 -24.99 15.46
N THR B 121 -0.90 -24.30 16.10
CA THR B 121 -0.70 -24.48 17.54
C THR B 121 -1.70 -23.64 18.29
N GLY B 122 -1.99 -22.46 17.74
CA GLY B 122 -3.01 -21.58 18.27
C GLY B 122 -4.35 -22.28 18.43
N LYS B 123 -4.73 -23.09 17.44
CA LYS B 123 -6.01 -23.79 17.48
C LYS B 123 -6.11 -24.68 18.70
N LYS B 124 -4.98 -25.26 19.11
CA LYS B 124 -4.94 -26.11 20.29
C LYS B 124 -5.23 -25.31 21.55
N VAL B 125 -4.76 -24.06 21.59
CA VAL B 125 -5.16 -23.16 22.67
C VAL B 125 -6.67 -22.87 22.67
N VAL B 126 -7.21 -22.56 21.49
CA VAL B 126 -8.65 -22.29 21.38
C VAL B 126 -9.45 -23.51 21.82
N GLU B 127 -9.06 -24.68 21.33
CA GLU B 127 -9.78 -25.92 21.62
C GLU B 127 -9.85 -26.20 23.15
N LEU B 128 -8.73 -26.00 23.85
CA LEU B 128 -8.66 -26.20 25.31
C LEU B 128 -9.47 -25.17 26.05
N SER B 129 -9.48 -23.95 25.52
CA SER B 129 -10.26 -22.88 26.12
C SER B 129 -11.76 -23.21 26.15
N GLU B 130 -12.29 -23.71 25.02
CA GLU B 130 -13.73 -23.95 24.91
C GLU B 130 -14.16 -25.15 25.76
N LYS B 131 -13.24 -26.07 26.03
CA LYS B 131 -13.52 -27.29 26.79
C LYS B 131 -13.47 -27.14 28.31
N SER B 132 -12.73 -26.15 28.82
CA SER B 132 -12.68 -25.85 30.25
C SER B 132 -13.77 -24.86 30.67
N GLU B 133 -14.11 -24.85 31.96
CA GLU B 133 -15.04 -23.83 32.50
C GLU B 133 -14.25 -22.58 32.92
N LYS B 134 -12.95 -22.77 33.12
CA LYS B 134 -12.07 -21.66 33.47
C LYS B 134 -11.81 -20.77 32.27
N THR B 135 -11.49 -19.50 32.53
CA THR B 135 -11.25 -18.54 31.49
C THR B 135 -9.79 -18.58 31.03
N VAL B 136 -9.61 -18.47 29.71
CA VAL B 136 -8.33 -18.21 29.11
C VAL B 136 -8.49 -16.87 28.42
N TYR B 137 -7.70 -15.88 28.84
CA TYR B 137 -7.80 -14.54 28.26
C TYR B 137 -6.47 -14.24 27.58
N ILE B 138 -6.48 -14.06 26.26
CA ILE B 138 -5.28 -13.60 25.58
C ILE B 138 -5.30 -12.09 25.60
N ALA B 139 -4.27 -11.54 26.24
CA ALA B 139 -4.23 -10.12 26.59
C ALA B 139 -3.75 -9.37 25.40
N GLU B 140 -4.68 -9.09 24.49
CA GLU B 140 -4.39 -8.28 23.34
C GLU B 140 -4.75 -6.83 23.69
N ASN B 141 -3.79 -6.05 24.19
CA ASN B 141 -4.14 -4.74 24.73
C ASN B 141 -4.66 -3.74 23.67
N PHE B 142 -4.28 -3.91 22.39
CA PHE B 142 -4.81 -3.04 21.32
C PHE B 142 -6.36 -3.01 21.22
N ARG B 143 -7.03 -4.09 21.63
CA ARG B 143 -8.52 -4.13 21.74
C ARG B 143 -9.08 -3.27 22.86
N HIS B 144 -8.20 -2.58 23.56
CA HIS B 144 -8.60 -1.77 24.70
C HIS B 144 -8.11 -0.34 24.54
N VAL B 145 -7.55 -0.01 23.38
CA VAL B 145 -7.04 1.34 23.12
C VAL B 145 -8.21 2.26 22.70
N PRO B 146 -8.44 3.37 23.43
CA PRO B 146 -9.63 4.16 23.07
C PRO B 146 -9.61 4.80 21.66
N ALA B 147 -8.43 5.18 21.16
CA ALA B 147 -8.34 5.75 19.82
C ALA B 147 -9.00 4.83 18.79
N PHE B 148 -8.79 3.52 18.94
CA PHE B 148 -9.39 2.57 17.98
C PHE B 148 -10.90 2.47 18.18
N TRP B 149 -11.31 2.46 19.45
CA TRP B 149 -12.74 2.49 19.73
C TRP B 149 -13.45 3.71 19.14
N LYS B 150 -12.88 4.91 19.31
CA LYS B 150 -13.53 6.11 18.76
C LYS B 150 -13.57 6.05 17.22
N ALA B 151 -12.51 5.55 16.61
CA ALA B 151 -12.44 5.36 15.17
C ALA B 151 -13.52 4.38 14.66
N LYS B 152 -13.69 3.27 15.40
CA LYS B 152 -14.74 2.29 15.14
C LYS B 152 -16.09 2.96 15.12
N GLU B 153 -16.42 3.67 16.20
CA GLU B 153 -17.73 4.34 16.31
C GLU B 153 -17.98 5.34 15.19
N LEU B 154 -16.94 6.07 14.80
CA LEU B 154 -17.06 7.04 13.73
C LEU B 154 -17.34 6.34 12.42
N VAL B 155 -16.62 5.25 12.15
CA VAL B 155 -16.84 4.50 10.91
C VAL B 155 -18.20 3.82 10.93
N GLU B 156 -18.49 3.13 12.03
CA GLU B 156 -19.80 2.47 12.20
C GLU B 156 -20.98 3.43 12.14
N SER B 157 -20.82 4.67 12.60
CA SER B 157 -21.91 5.65 12.60
C SER B 157 -22.06 6.40 11.27
N GLY B 158 -21.27 6.01 10.27
CA GLY B 158 -21.35 6.60 8.94
C GLY B 158 -20.70 7.96 8.75
N ALA B 159 -19.79 8.34 9.66
CA ALA B 159 -19.12 9.65 9.60
C ALA B 159 -18.31 9.91 8.33
N ILE B 160 -17.75 8.86 7.72
CA ILE B 160 -17.04 9.02 6.44
C ILE B 160 -17.76 8.35 5.24
N GLY B 161 -19.03 8.00 5.41
CA GLY B 161 -19.78 7.29 4.37
C GLY B 161 -19.37 5.83 4.31
N ASP B 162 -19.44 5.23 3.13
CA ASP B 162 -18.99 3.84 2.95
C ASP B 162 -17.46 3.79 2.91
N PRO B 163 -16.84 3.01 3.82
CA PRO B 163 -15.37 2.87 3.86
C PRO B 163 -14.79 2.28 2.58
N VAL B 164 -13.78 2.96 2.02
CA VAL B 164 -13.25 2.54 0.73
C VAL B 164 -11.85 1.96 0.85
N PHE B 165 -11.00 2.65 1.63
CA PHE B 165 -9.57 2.36 1.71
C PHE B 165 -8.94 2.75 3.05
N ASN B 167 -5.16 2.66 5.15
CA ASN B 167 -3.71 2.51 5.03
C ASN B 167 -3.07 2.72 6.37
N TRP B 168 -2.30 1.73 6.78
CA TRP B 168 -1.53 1.84 8.00
C TRP B 168 -0.08 1.55 7.66
N GLN B 169 0.76 2.55 7.90
CA GLN B 169 2.17 2.43 7.64
C GLN B 169 2.90 2.71 8.92
N ILE B 170 3.71 1.74 9.34
CA ILE B 170 4.40 1.78 10.63
C ILE B 170 5.92 1.64 10.45
N TRP B 171 6.67 2.54 11.07
CA TRP B 171 8.11 2.47 10.97
C TRP B 171 8.67 2.54 12.38
N VAL B 172 8.86 1.37 12.98
CA VAL B 172 9.25 1.25 14.38
C VAL B 172 10.69 1.74 14.66
N GLY B 173 11.61 1.47 13.73
CA GLY B 173 13.00 1.89 13.88
C GLY B 173 13.72 1.36 15.10
N ASP B 175 16.50 -0.33 17.44
CA ASP B 175 17.96 -0.44 17.37
C ASP B 175 18.56 -1.21 18.57
N GLU B 176 19.90 -1.23 18.65
CA GLU B 176 20.64 -1.91 19.72
C GLU B 176 20.20 -1.50 21.13
N ASN B 177 19.62 -0.30 21.24
CA ASN B 177 19.19 0.26 22.53
C ASN B 177 17.78 -0.19 22.99
N ASN B 178 16.99 -0.76 22.09
CA ASN B 178 15.71 -1.35 22.44
C ASN B 178 15.96 -2.67 23.15
N LYS B 179 15.33 -2.86 24.32
CA LYS B 179 15.51 -4.07 25.15
C LYS B 179 14.87 -5.36 24.60
N TYR B 180 13.78 -5.22 23.84
CA TYR B 180 13.10 -6.38 23.22
C TYR B 180 14.00 -7.15 22.25
N VAL B 181 14.88 -6.41 21.58
CA VAL B 181 15.78 -6.93 20.56
C VAL B 181 16.83 -7.92 21.09
N HIS B 182 17.10 -7.88 22.40
CA HIS B 182 18.13 -8.74 23.03
C HIS B 182 17.60 -9.98 23.77
N THR B 183 16.28 -10.15 23.78
CA THR B 183 15.66 -11.31 24.40
C THR B 183 15.81 -12.54 23.49
N ASP B 184 16.19 -13.66 24.11
CA ASP B 184 16.61 -14.88 23.38
C ASP B 184 15.59 -15.41 22.36
N TRP B 185 14.33 -15.51 22.78
CA TRP B 185 13.27 -16.08 21.96
C TRP B 185 12.80 -15.10 20.87
N ARG B 186 13.32 -13.87 20.88
CA ARG B 186 13.11 -12.97 19.74
C ARG B 186 14.30 -13.04 18.76
N LYS B 187 15.50 -13.26 19.30
CA LYS B 187 16.73 -13.36 18.49
C LYS B 187 16.75 -14.60 17.59
N LYS B 188 16.29 -15.74 18.15
CA LYS B 188 16.08 -16.96 17.39
C LYS B 188 14.57 -17.28 17.46
N PRO B 189 13.75 -16.66 16.57
CA PRO B 189 12.29 -16.78 16.76
C PRO B 189 11.74 -18.21 16.47
N LYS B 190 10.80 -18.67 17.27
CA LYS B 190 10.07 -19.90 16.96
C LYS B 190 8.68 -19.56 16.41
N HIS B 191 8.28 -18.31 16.62
CA HIS B 191 7.00 -17.81 16.16
C HIS B 191 7.05 -17.35 14.68
N VAL B 192 5.90 -17.47 14.00
CA VAL B 192 5.82 -17.28 12.56
C VAL B 192 6.15 -15.83 12.22
N GLY B 193 7.14 -15.65 11.34
CA GLY B 193 7.54 -14.31 10.89
C GLY B 193 8.28 -13.41 11.88
N GLY B 194 8.78 -13.97 12.99
CA GLY B 194 9.53 -13.20 14.00
C GLY B 194 8.77 -12.00 14.55
N PHE B 195 9.33 -10.82 14.34
CA PHE B 195 8.70 -9.57 14.78
C PHE B 195 7.39 -9.34 14.08
N LEU B 196 7.23 -9.91 12.90
CA LEU B 196 5.99 -9.68 12.16
C LEU B 196 4.78 -10.16 12.94
N SER B 197 4.84 -11.34 13.54
CA SER B 197 3.73 -11.76 14.39
C SER B 197 3.76 -11.17 15.81
N ASP B 198 4.95 -10.90 16.34
CA ASP B 198 5.09 -10.27 17.66
C ASP B 198 4.35 -8.94 17.76
N GLY B 199 4.59 -8.04 16.81
CA GLY B 199 3.95 -6.74 16.83
C GLY B 199 2.71 -6.70 15.97
N GLY B 200 2.67 -7.59 14.97
CA GLY B 200 1.61 -7.63 13.96
C GLY B 200 0.25 -7.96 14.51
N VAL B 201 0.18 -8.90 15.45
CA VAL B 201 -1.11 -9.25 16.04
C VAL B 201 -1.82 -8.03 16.62
N HIS B 202 -1.06 -7.11 17.24
CA HIS B 202 -1.64 -5.83 17.66
C HIS B 202 -2.34 -5.15 16.50
N HIS B 203 -1.65 -5.00 15.38
CA HIS B 203 -2.22 -4.27 14.26
C HIS B 203 -3.46 -4.96 13.65
N ALA B 204 -3.40 -6.29 13.50
CA ALA B 204 -4.57 -7.05 13.03
C ALA B 204 -5.76 -6.81 13.94
N ALA B 205 -5.48 -6.71 15.24
CA ALA B 205 -6.52 -6.55 16.23
C ALA B 205 -7.21 -5.21 16.01
N ALA B 206 -6.43 -4.16 15.77
CA ALA B 206 -7.00 -2.82 15.59
C ALA B 206 -7.77 -2.75 14.27
N ARG B 208 -9.21 -5.26 12.70
CA ARG B 208 -10.41 -6.08 12.80
C ARG B 208 -11.50 -5.38 13.63
N LEU B 209 -11.08 -4.70 14.70
CA LEU B 209 -11.98 -3.96 15.57
C LEU B 209 -12.68 -2.81 14.83
N ILE B 210 -11.94 -2.14 13.96
CA ILE B 210 -12.51 -1.02 13.21
C ILE B 210 -13.35 -1.44 12.00
N LEU B 211 -12.81 -2.30 11.14
CA LEU B 211 -13.45 -2.60 9.85
C LEU B 211 -13.98 -4.04 9.70
N GLY B 212 -13.82 -4.87 10.73
CA GLY B 212 -14.33 -6.24 10.70
C GLY B 212 -13.34 -7.24 10.13
N GLU B 213 -13.85 -8.42 9.75
CA GLU B 213 -12.99 -9.53 9.31
C GLU B 213 -12.36 -9.31 7.94
N ILE B 214 -11.22 -9.96 7.70
CA ILE B 214 -10.52 -9.87 6.44
C ILE B 214 -10.69 -11.13 5.59
N GLU B 215 -11.13 -10.97 4.33
CA GLU B 215 -11.30 -12.11 3.39
C GLU B 215 -9.97 -12.66 2.84
N TRP B 216 -9.12 -11.78 2.31
CA TRP B 216 -7.90 -12.21 1.62
C TRP B 216 -6.83 -11.16 1.71
N ILE B 217 -5.60 -11.64 1.77
CA ILE B 217 -4.45 -10.78 1.79
C ILE B 217 -3.56 -11.22 0.66
N SER B 218 -2.67 -10.32 0.27
CA SER B 218 -1.58 -10.64 -0.64
C SER B 218 -0.45 -9.77 -0.09
N ALA B 219 0.71 -10.34 0.14
CA ALA B 219 1.73 -9.69 0.95
C ALA B 219 3.15 -10.16 0.60
N VAL B 220 4.11 -9.28 0.84
CA VAL B 220 5.52 -9.64 0.69
C VAL B 220 6.29 -9.33 2.01
N ALA B 221 7.13 -10.27 2.40
CA ALA B 221 7.88 -10.22 3.67
C ALA B 221 9.36 -10.26 3.36
N LYS B 222 10.10 -9.34 3.97
CA LYS B 222 11.56 -9.34 3.85
C LYS B 222 12.24 -9.37 5.21
N ASP B 223 13.52 -9.73 5.20
CA ASP B 223 14.36 -9.81 6.39
C ASP B 223 15.50 -8.84 6.10
N LEU B 224 15.35 -7.62 6.62
CA LEU B 224 16.23 -6.51 6.24
C LEU B 224 17.32 -6.19 7.25
N SER B 225 17.09 -6.55 8.51
CA SER B 225 18.01 -6.25 9.60
C SER B 225 18.66 -7.53 10.14
N PRO B 226 20.01 -7.61 10.10
CA PRO B 226 20.73 -8.68 10.80
C PRO B 226 20.49 -8.65 12.31
N LEU B 227 19.98 -7.54 12.83
CA LEU B 227 19.82 -7.37 14.26
C LEU B 227 18.52 -7.99 14.74
N LEU B 228 17.50 -7.95 13.89
CA LEU B 228 16.20 -8.43 14.31
C LEU B 228 16.02 -9.87 13.86
N GLY B 229 15.72 -10.73 14.82
CA GLY B 229 15.59 -12.16 14.53
C GLY B 229 14.42 -12.38 13.60
N GLY B 230 14.68 -13.05 12.48
CA GLY B 230 13.62 -13.41 11.55
C GLY B 230 13.27 -12.28 10.59
N ASP B 232 11.41 -8.90 9.20
CA ASP B 232 11.18 -7.67 9.92
C ASP B 232 10.55 -6.57 9.08
N PHE B 233 10.25 -6.89 7.82
CA PHE B 233 9.57 -5.96 6.94
C PHE B 233 8.40 -6.67 6.33
N LEU B 234 7.28 -5.97 6.20
CA LEU B 234 6.09 -6.55 5.57
C LEU B 234 5.29 -5.46 4.87
N SER B 235 4.86 -5.77 3.64
CA SER B 235 3.92 -4.94 2.91
C SER B 235 2.81 -5.83 2.34
N SER B 236 1.56 -5.39 2.49
CA SER B 236 0.42 -6.20 2.14
C SER B 236 -0.76 -5.40 1.59
N ILE B 237 -1.56 -6.05 0.75
CA ILE B 237 -2.86 -5.54 0.36
C ILE B 237 -3.90 -6.59 0.75
N PHE B 238 -5.08 -6.14 1.12
CA PHE B 238 -6.10 -7.08 1.51
C PHE B 238 -7.47 -6.44 1.36
N GLU B 239 -8.51 -7.26 1.46
CA GLU B 239 -9.87 -6.78 1.36
C GLU B 239 -10.72 -7.33 2.50
N PHE B 240 -11.33 -6.42 3.24
CA PHE B 240 -12.26 -6.82 4.28
C PHE B 240 -13.49 -7.46 3.63
N GLU B 241 -14.19 -8.28 4.43
CA GLU B 241 -15.43 -8.93 4.01
C GLU B 241 -16.49 -7.91 3.66
N ASN B 242 -16.38 -6.70 4.21
CA ASN B 242 -17.31 -5.61 3.87
C ASN B 242 -16.98 -4.87 2.58
N GLY B 243 -15.81 -5.13 1.99
CA GLY B 243 -15.46 -4.56 0.69
C GLY B 243 -14.35 -3.52 0.71
N THR B 244 -14.00 -3.04 1.92
CA THR B 244 -12.95 -2.06 2.09
C THR B 244 -11.61 -2.69 1.71
N VAL B 245 -10.78 -1.92 1.02
CA VAL B 245 -9.42 -2.37 0.69
C VAL B 245 -8.47 -1.83 1.74
N GLY B 246 -7.45 -2.63 2.07
CA GLY B 246 -6.46 -2.23 3.04
C GLY B 246 -5.07 -2.40 2.53
N ASN B 247 -4.18 -1.53 2.98
CA ASN B 247 -2.75 -1.69 2.83
C ASN B 247 -2.13 -1.61 4.21
N TYR B 248 -1.21 -2.50 4.49
CA TYR B 248 -0.58 -2.48 5.76
C TYR B 248 0.87 -2.80 5.52
N THR B 249 1.72 -1.84 5.85
CA THR B 249 3.15 -1.96 5.66
C THR B 249 3.86 -1.61 6.97
N ILE B 250 4.82 -2.45 7.35
CA ILE B 250 5.61 -2.19 8.55
C ILE B 250 7.07 -2.57 8.34
N SER B 251 7.97 -1.72 8.79
CA SER B 251 9.35 -2.12 9.00
C SER B 251 9.65 -2.00 10.48
N TYR B 252 10.23 -3.05 11.06
CA TYR B 252 10.68 -2.98 12.45
C TYR B 252 12.05 -2.34 12.60
N SER B 253 12.79 -2.12 11.51
CA SER B 253 14.15 -1.60 11.68
C SER B 253 14.34 -0.18 11.17
N LEU B 254 13.47 0.28 10.29
CA LEU B 254 13.69 1.56 9.65
C LEU B 254 12.79 2.65 10.20
N LYS B 255 13.30 3.88 10.16
CA LYS B 255 12.56 5.05 10.62
C LYS B 255 11.71 5.66 9.51
N GLY B 256 10.67 6.34 9.95
CA GLY B 256 9.71 7.03 9.10
C GLY B 256 8.59 7.48 10.03
N ASN B 257 7.57 8.10 9.44
CA ASN B 257 6.40 8.54 10.19
C ASN B 257 5.20 7.63 9.97
N GLU B 258 4.58 7.22 11.09
CA GLU B 258 3.29 6.55 11.07
C GLU B 258 2.20 7.40 10.39
N ARG B 259 1.47 6.78 9.46
CA ARG B 259 0.15 7.26 9.09
C ARG B 259 -0.83 6.09 9.24
N PHE B 260 -2.01 6.40 9.74
CA PHE B 260 -3.09 5.44 9.82
C PHE B 260 -4.36 6.16 9.38
N GLU B 261 -4.78 5.90 8.15
CA GLU B 261 -5.87 6.65 7.51
C GLU B 261 -6.97 5.74 6.97
N ILE B 262 -8.21 6.17 7.11
CA ILE B 262 -9.32 5.46 6.51
C ILE B 262 -10.11 6.47 5.68
N THR B 263 -10.22 6.22 4.39
CA THR B 263 -10.96 7.08 3.49
C THR B 263 -12.26 6.42 3.09
N GLY B 264 -13.33 7.22 3.09
CA GLY B 264 -14.62 6.75 2.64
C GLY B 264 -15.15 7.53 1.47
N THR B 265 -16.42 7.30 1.14
CA THR B 265 -17.11 7.99 0.05
C THR B 265 -17.43 9.42 0.44
N LYS B 266 -17.59 9.66 1.73
CA LYS B 266 -18.02 10.97 2.23
C LYS B 266 -16.94 11.75 2.97
N GLY B 267 -15.83 11.09 3.33
CA GLY B 267 -14.80 11.75 4.14
C GLY B 267 -13.53 10.97 4.45
N LYS B 268 -12.79 11.46 5.45
CA LYS B 268 -11.43 10.97 5.75
C LYS B 268 -11.12 11.08 7.26
N ILE B 269 -10.73 9.97 7.88
CA ILE B 269 -10.17 10.01 9.25
C ILE B 269 -8.69 9.63 9.29
N SER B 270 -7.96 10.25 10.21
CA SER B 270 -6.60 9.85 10.44
C SER B 270 -6.43 9.61 11.95
N ILE B 271 -5.78 8.49 12.29
CA ILE B 271 -5.80 7.94 13.64
C ILE B 271 -4.46 8.05 14.36
N SER B 272 -4.52 8.45 15.64
CA SER B 272 -3.33 8.58 16.47
C SER B 272 -3.69 8.27 17.92
N TRP B 273 -2.71 7.77 18.67
CA TRP B 273 -2.85 7.52 20.11
C TRP B 273 -3.75 8.54 20.85
N ASP B 274 -3.57 9.83 20.53
CA ASP B 274 -4.15 10.91 21.31
C ASP B 274 -5.26 11.69 20.64
N LYS B 275 -5.55 11.35 19.38
CA LYS B 275 -6.50 12.13 18.59
C LYS B 275 -6.94 11.44 17.31
N ILE B 276 -8.15 11.75 16.89
CA ILE B 276 -8.64 11.37 15.58
C ILE B 276 -8.99 12.64 14.82
N VAL B 277 -8.47 12.76 13.60
CA VAL B 277 -8.80 13.86 12.72
C VAL B 277 -9.87 13.42 11.71
N LEU B 278 -11.05 14.02 11.81
CA LEU B 278 -12.13 13.77 10.87
C LEU B 278 -12.18 14.91 9.88
N ASN B 279 -11.77 14.61 8.64
CA ASN B 279 -11.60 15.65 7.62
C ASN B 279 -10.65 16.75 8.12
N GLU B 280 -11.17 17.94 8.40
CA GLU B 280 -10.31 19.03 8.89
C GLU B 280 -10.25 19.08 10.43
N GLU B 281 -11.16 18.37 11.09
CA GLU B 281 -11.49 18.59 12.49
C GLU B 281 -10.87 17.59 13.47
N GLU B 282 -10.20 18.09 14.50
CA GLU B 282 -9.59 17.24 15.52
C GLU B 282 -10.51 16.95 16.71
N LYS B 284 -9.76 15.23 20.51
CA LYS B 284 -8.78 14.63 21.40
C LYS B 284 -9.34 13.30 21.91
N VAL B 285 -8.52 12.27 21.95
CA VAL B 285 -8.94 11.01 22.52
C VAL B 285 -8.46 10.95 23.97
N PRO B 286 -9.40 10.84 24.94
CA PRO B 286 -9.02 10.74 26.35
C PRO B 286 -8.17 9.50 26.59
N GLN B 287 -7.06 9.70 27.30
CA GLN B 287 -6.03 8.69 27.41
C GLN B 287 -6.35 7.63 28.47
N GLU B 288 -5.87 6.41 28.23
CA GLU B 288 -6.11 5.29 29.13
C GLU B 288 -4.92 4.33 29.11
N ASN B 289 -4.77 3.55 30.17
CA ASN B 289 -3.82 2.47 30.16
C ASN B 289 -4.54 1.22 29.68
N SER B 290 -4.17 0.73 28.49
CA SER B 290 -4.83 -0.42 27.89
C SER B 290 -4.60 -1.73 28.65
N TYR B 291 -3.43 -1.87 29.28
CA TYR B 291 -3.14 -3.02 30.14
C TYR B 291 -4.06 -3.01 31.35
N GLN B 292 -4.23 -1.83 31.93
CA GLN B 292 -5.10 -1.65 33.07
C GLN B 292 -6.54 -1.98 32.68
N LYS B 293 -6.93 -1.57 31.48
CA LYS B 293 -8.27 -1.79 30.99
C LYS B 293 -8.51 -3.29 30.77
N GLU B 294 -7.54 -3.98 30.18
CA GLU B 294 -7.69 -5.41 29.89
C GLU B 294 -7.73 -6.26 31.18
N PHE B 295 -7.08 -5.81 32.25
CA PHE B 295 -7.13 -6.58 33.50
C PHE B 295 -8.49 -6.42 34.14
N GLU B 296 -8.98 -5.19 34.14
CA GLU B 296 -10.35 -4.93 34.54
C GLU B 296 -11.31 -5.84 33.77
N ASP B 297 -11.09 -6.00 32.46
CA ASP B 297 -12.00 -6.83 31.65
C ASP B 297 -11.90 -8.27 32.11
N PHE B 298 -10.67 -8.73 32.35
CA PHE B 298 -10.42 -10.07 32.84
C PHE B 298 -11.02 -10.27 34.25
N TYR B 299 -10.98 -9.22 35.08
CA TYR B 299 -11.66 -9.29 36.38
C TYR B 299 -13.15 -9.52 36.17
N GLN B 300 -13.75 -8.72 35.27
CA GLN B 300 -15.18 -8.79 34.96
C GLN B 300 -15.57 -10.12 34.32
N VAL B 301 -14.60 -10.78 33.65
CA VAL B 301 -14.90 -12.06 33.00
C VAL B 301 -15.01 -13.16 34.04
N VAL B 302 -14.02 -13.24 34.93
CA VAL B 302 -13.95 -14.37 35.83
C VAL B 302 -14.82 -14.26 37.05
N ALA B 303 -15.09 -13.03 37.49
CA ALA B 303 -15.84 -12.83 38.75
C ALA B 303 -17.27 -12.36 38.50
N GLU B 304 -17.46 -11.64 37.36
CA GLU B 304 -18.69 -10.86 37.13
C GLU B 304 -19.53 -11.36 35.95
N GLY B 305 -19.15 -12.58 35.42
CA GLY B 305 -19.94 -13.18 34.33
C GLY B 305 -19.89 -12.47 32.97
N LYS B 306 -19.00 -11.46 32.82
CA LYS B 306 -18.90 -10.77 31.54
C LYS B 306 -18.41 -11.77 30.51
N PRO B 307 -19.16 -11.91 29.40
CA PRO B 307 -18.68 -12.72 28.30
C PRO B 307 -17.32 -12.22 27.81
N ASN B 308 -16.51 -13.17 27.36
CA ASN B 308 -15.15 -12.88 26.96
C ASN B 308 -15.05 -12.48 25.50
N ASP B 309 -15.47 -11.27 25.18
CA ASP B 309 -15.48 -10.77 23.82
C ASP B 309 -14.10 -10.22 23.40
N LEU B 310 -13.36 -9.66 24.36
CA LEU B 310 -12.19 -8.84 24.05
C LEU B 310 -10.89 -9.55 24.32
N GLY B 311 -10.91 -10.50 25.24
CA GLY B 311 -9.73 -11.30 25.48
C GLY B 311 -9.87 -12.73 25.01
N SER B 312 -10.83 -12.98 24.13
CA SER B 312 -11.11 -14.34 23.70
C SER B 312 -10.04 -14.87 22.76
N PRO B 313 -9.67 -16.15 22.95
CA PRO B 313 -8.64 -16.79 22.14
C PRO B 313 -8.97 -16.83 20.66
N VAL B 314 -10.27 -16.93 20.34
CA VAL B 314 -10.72 -17.02 18.96
C VAL B 314 -10.33 -15.74 18.22
N GLN B 315 -10.57 -14.60 18.87
CA GLN B 315 -10.13 -13.30 18.35
C GLN B 315 -8.60 -13.23 18.20
N ALA B 316 -7.87 -13.75 19.18
CA ALA B 316 -6.42 -13.72 19.12
C ALA B 316 -5.88 -14.63 18.02
N LEU B 317 -6.58 -15.73 17.76
CA LEU B 317 -6.18 -16.66 16.70
C LEU B 317 -6.35 -15.99 15.34
N LYS B 318 -7.45 -15.25 15.18
CA LYS B 318 -7.71 -14.48 13.96
C LYS B 318 -6.66 -13.40 13.72
N ASP B 319 -6.16 -12.81 14.80
CA ASP B 319 -5.06 -11.85 14.68
C ASP B 319 -3.82 -12.54 14.09
N LEU B 320 -3.43 -13.66 14.68
CA LEU B 320 -2.26 -14.39 14.24
C LEU B 320 -2.44 -14.82 12.81
N ALA B 321 -3.67 -15.26 12.48
CA ALA B 321 -3.97 -15.80 11.17
C ALA B 321 -3.75 -14.76 10.07
N PHE B 322 -4.14 -13.53 10.33
CA PHE B 322 -3.87 -12.43 9.41
C PHE B 322 -2.37 -12.38 9.10
N ILE B 323 -1.55 -12.37 10.15
CA ILE B 323 -0.12 -12.25 9.95
C ILE B 323 0.46 -13.50 9.33
N GLU B 324 0.01 -14.68 9.75
CA GLU B 324 0.54 -15.92 9.19
C GLU B 324 0.26 -16.00 7.69
N ALA B 325 -0.96 -15.58 7.29
CA ALA B 325 -1.30 -15.51 5.86
C ALA B 325 -0.34 -14.62 5.08
N CYS B 326 -0.04 -13.43 5.62
CA CYS B 326 0.89 -12.47 5.04
C CYS B 326 2.31 -13.01 4.87
N VAL B 327 2.77 -13.86 5.78
CA VAL B 327 4.11 -14.46 5.71
C VAL B 327 4.16 -15.59 4.66
N ARG B 328 3.08 -16.38 4.57
CA ARG B 328 3.00 -17.47 3.58
C ARG B 328 2.82 -16.93 2.16
N SER B 329 2.25 -15.73 2.03
CA SER B 329 1.74 -15.22 0.76
C SER B 329 2.72 -15.19 -0.39
N ALA B 330 3.91 -14.63 -0.16
CA ALA B 330 4.91 -14.45 -1.20
C ALA B 330 4.29 -13.79 -2.42
N GLY B 331 3.34 -12.92 -2.17
CA GLY B 331 2.65 -12.19 -3.24
C GLY B 331 1.40 -12.90 -3.74
N ASN B 332 1.23 -14.18 -3.41
CA ASN B 332 0.06 -14.91 -3.85
C ASN B 332 -1.15 -14.56 -2.99
N LYS B 333 -2.34 -14.79 -3.53
CA LYS B 333 -3.58 -14.48 -2.84
C LYS B 333 -3.87 -15.55 -1.80
N VAL B 334 -3.94 -15.16 -0.54
CA VAL B 334 -4.29 -16.09 0.50
C VAL B 334 -5.64 -15.74 1.09
N PHE B 335 -6.60 -16.67 1.02
CA PHE B 335 -7.89 -16.53 1.72
C PHE B 335 -7.70 -16.96 3.16
N VAL B 336 -7.80 -16.00 4.07
CA VAL B 336 -7.54 -16.20 5.50
C VAL B 336 -8.31 -17.35 6.13
N SER B 337 -9.59 -17.46 5.83
CA SER B 337 -10.38 -18.52 6.44
C SER B 337 -9.73 -19.88 6.23
N SER B 338 -9.03 -20.06 5.11
CA SER B 338 -8.35 -21.34 4.82
C SER B 338 -7.32 -21.75 5.89
N LEU B 339 -6.84 -20.79 6.68
CA LEU B 339 -5.91 -21.08 7.77
C LEU B 339 -6.65 -21.48 9.04
N LEU B 340 -7.94 -21.19 9.10
CA LEU B 340 -8.73 -21.47 10.27
C LEU B 340 -9.66 -22.65 10.00
#